data_2ZEV
#
_entry.id   2ZEV
#
_cell.length_a   47.822
_cell.length_b   115.879
_cell.length_c   128.336
_cell.angle_alpha   90.00
_cell.angle_beta   90.00
_cell.angle_gamma   90.00
#
_symmetry.space_group_name_H-M   'P 21 21 21'
#
loop_
_entity.id
_entity.type
_entity.pdbx_description
1 polymer 'Geranylgeranyl pyrophosphate synthetase'
2 non-polymer 'MAGNESIUM ION'
3 non-polymer 3-(DECYLOXY)-1-(2,2-DIPHOSPHONOETHYL)PYRIDINIUM
4 non-polymer '3-METHYLBUT-3-ENYL TRIHYDROGEN DIPHOSPHATE'
5 water water
#
_entity_poly.entity_id   1
_entity_poly.type   'polypeptide(L)'
_entity_poly.pdbx_seq_one_letter_code
;MTKNKMEAKIDELINNDPVWSSQNESLISKPYNHILLKPGKNFRLNLIVQINRVMNLPKDQLAIVSQIVELLHNSSLLID
DIEDNAPLRRGQTTSHLIFGVPSTINTANYMYFRAMQLVSQLTTKEPLYHNLITIFNEELINLHRGQGLDIYWRDFLPEI
IPTQEMYLNMVMNKTGGLFRLTLRLMEALSPSSHHGHSLVPFINLLGIIYQIRDDYLNLKDFQMSSEKGFAEDITEGKLS
FPIVHALNFTKTKGQTEQHNEILRILLLRTSDKDIKLKLIQILEFDTNSLAYTKNFINQLVNMIKNDNENKYLPDLASHS
DTATNLHDELLYIIDHLSEL
;
_entity_poly.pdbx_strand_id   A,B
#
# COMPACT_ATOMS: atom_id res chain seq x y z
N ASN A 4 -35.51 21.20 -3.17
CA ASN A 4 -35.87 19.77 -2.95
C ASN A 4 -35.36 18.87 -4.06
N LYS A 5 -34.77 19.44 -5.11
CA LYS A 5 -34.26 18.65 -6.22
C LYS A 5 -32.83 18.19 -5.91
N MET A 6 -32.12 18.96 -5.09
CA MET A 6 -30.76 18.63 -4.69
C MET A 6 -30.80 17.50 -3.67
N GLU A 7 -31.79 17.58 -2.81
CA GLU A 7 -32.04 16.60 -1.77
C GLU A 7 -32.42 15.26 -2.44
N ALA A 8 -33.14 15.36 -3.55
CA ALA A 8 -33.56 14.17 -4.30
C ALA A 8 -32.33 13.55 -4.93
N LYS A 9 -31.38 14.41 -5.28
CA LYS A 9 -30.15 13.99 -5.89
C LYS A 9 -29.28 13.38 -4.81
N ILE A 10 -29.21 14.04 -3.67
CA ILE A 10 -28.39 13.52 -2.60
C ILE A 10 -28.98 12.21 -2.12
N ASP A 11 -30.30 12.17 -2.04
CA ASP A 11 -30.97 10.97 -1.56
C ASP A 11 -30.66 9.79 -2.46
N GLU A 12 -30.72 9.99 -3.78
CA GLU A 12 -30.46 8.87 -4.68
C GLU A 12 -28.99 8.44 -4.64
N LEU A 13 -28.11 9.40 -4.40
CA LEU A 13 -26.68 9.13 -4.32
C LEU A 13 -26.36 8.19 -3.15
N ILE A 14 -26.77 8.60 -1.97
CA ILE A 14 -26.50 7.83 -0.79
C ILE A 14 -27.21 6.49 -0.79
N ASN A 15 -28.22 6.30 -1.64
CA ASN A 15 -28.91 5.01 -1.67
C ASN A 15 -28.38 4.13 -2.76
N ASN A 16 -27.34 4.58 -3.46
CA ASN A 16 -26.76 3.71 -4.49
C ASN A 16 -25.30 3.34 -4.22
N ASP A 17 -24.83 2.32 -4.92
CA ASP A 17 -23.46 1.95 -4.76
C ASP A 17 -22.65 3.12 -5.29
N PRO A 18 -21.40 3.23 -4.86
CA PRO A 18 -20.69 4.39 -5.41
C PRO A 18 -20.53 4.28 -6.94
N VAL A 19 -20.58 5.41 -7.63
CA VAL A 19 -20.43 5.41 -9.08
C VAL A 19 -18.95 5.25 -9.47
N TRP A 20 -18.68 4.32 -10.39
CA TRP A 20 -17.33 4.05 -10.91
C TRP A 20 -17.41 3.67 -12.37
N SER A 21 -16.88 4.51 -13.24
CA SER A 21 -16.91 4.25 -14.68
C SER A 21 -15.66 3.51 -15.14
N SER A 22 -15.80 2.83 -16.28
CA SER A 22 -14.68 2.11 -16.86
C SER A 22 -13.60 3.16 -17.24
N GLN A 23 -14.03 4.39 -17.53
CA GLN A 23 -13.08 5.44 -17.87
C GLN A 23 -12.21 5.71 -16.63
N ASN A 24 -12.86 5.94 -15.50
CA ASN A 24 -12.09 6.21 -14.29
C ASN A 24 -11.18 5.06 -13.99
N GLU A 25 -11.63 3.84 -14.31
CA GLU A 25 -10.88 2.62 -14.13
C GLU A 25 -9.60 2.70 -14.96
N SER A 26 -9.67 3.25 -16.17
CA SER A 26 -8.42 3.36 -16.98
C SER A 26 -7.51 4.45 -16.50
N LEU A 27 -8.10 5.59 -16.12
CA LEU A 27 -7.29 6.71 -15.68
C LEU A 27 -6.38 6.35 -14.50
N ILE A 28 -6.88 5.56 -13.55
CA ILE A 28 -6.05 5.18 -12.44
C ILE A 28 -5.24 3.89 -12.68
N SER A 29 -5.43 3.22 -13.82
CA SER A 29 -4.66 2.00 -14.07
C SER A 29 -3.34 2.30 -14.75
N LYS A 30 -3.13 3.57 -15.14
CA LYS A 30 -1.89 3.99 -15.85
C LYS A 30 -0.57 3.50 -15.30
N PRO A 31 -0.31 3.69 -14.00
CA PRO A 31 1.00 3.20 -13.54
C PRO A 31 1.08 1.71 -13.68
N TYR A 32 -0.04 1.02 -13.50
CA TYR A 32 -0.02 -0.44 -13.62
C TYR A 32 0.13 -0.89 -15.05
N ASN A 33 -0.67 -0.34 -15.96
CA ASN A 33 -0.59 -0.70 -17.37
C ASN A 33 0.85 -0.50 -17.87
N HIS A 34 1.53 0.51 -17.33
CA HIS A 34 2.89 0.77 -17.78
C HIS A 34 3.87 -0.36 -17.47
N ILE A 35 3.85 -0.91 -16.26
CA ILE A 35 4.83 -1.94 -15.96
C ILE A 35 4.45 -3.22 -16.64
N LEU A 36 3.22 -3.31 -17.12
CA LEU A 36 2.82 -4.52 -17.84
C LEU A 36 3.54 -4.64 -19.19
N LEU A 37 3.97 -3.52 -19.76
CA LEU A 37 4.67 -3.52 -21.05
C LEU A 37 6.03 -4.18 -21.02
N LYS A 38 6.32 -4.98 -20.01
CA LYS A 38 7.65 -5.58 -19.92
C LYS A 38 7.69 -7.09 -19.65
N ARG A 44 7.89 -16.67 -15.16
CA ARG A 44 6.84 -16.77 -14.09
C ARG A 44 5.80 -17.81 -14.48
N LEU A 45 5.12 -17.53 -15.58
CA LEU A 45 4.14 -18.44 -16.11
C LEU A 45 4.79 -19.81 -16.24
N ASN A 46 6.07 -19.84 -16.62
CA ASN A 46 6.75 -21.12 -16.77
C ASN A 46 6.91 -21.97 -15.51
N LEU A 47 7.19 -21.34 -14.36
CA LEU A 47 7.32 -22.07 -13.08
C LEU A 47 5.96 -22.60 -12.58
N ILE A 48 4.91 -21.84 -12.84
CA ILE A 48 3.58 -22.21 -12.44
C ILE A 48 3.14 -23.44 -13.26
N VAL A 49 3.52 -23.48 -14.53
CA VAL A 49 3.18 -24.60 -15.41
C VAL A 49 3.88 -25.92 -14.98
N GLN A 50 5.19 -25.87 -14.74
CA GLN A 50 5.93 -27.07 -14.34
C GLN A 50 5.40 -27.58 -13.03
N ILE A 51 5.19 -26.67 -12.09
CA ILE A 51 4.70 -27.10 -10.80
C ILE A 51 3.34 -27.78 -10.92
N ASN A 52 2.54 -27.36 -11.90
CA ASN A 52 1.21 -27.93 -12.04
C ASN A 52 1.27 -29.36 -12.54
N ARG A 53 2.39 -29.75 -13.15
CA ARG A 53 2.52 -31.11 -13.62
C ARG A 53 2.30 -31.98 -12.37
N VAL A 54 2.52 -31.40 -11.20
CA VAL A 54 2.33 -32.16 -9.97
C VAL A 54 1.02 -31.90 -9.24
N MET A 55 0.53 -30.65 -9.26
CA MET A 55 -0.70 -30.31 -8.55
C MET A 55 -2.00 -30.52 -9.38
N ASN A 56 -1.85 -30.56 -10.70
CA ASN A 56 -2.98 -30.75 -11.63
C ASN A 56 -4.27 -29.92 -11.44
N LEU A 57 -4.13 -28.61 -11.27
CA LEU A 57 -5.32 -27.79 -11.14
C LEU A 57 -5.82 -27.69 -12.57
N PRO A 58 -7.14 -27.58 -12.76
CA PRO A 58 -7.67 -27.47 -14.12
C PRO A 58 -7.24 -26.12 -14.69
N LYS A 59 -7.08 -26.03 -16.01
CA LYS A 59 -6.67 -24.79 -16.68
C LYS A 59 -7.44 -23.51 -16.34
N ASP A 60 -8.70 -23.62 -15.96
CA ASP A 60 -9.49 -22.44 -15.57
C ASP A 60 -8.93 -21.91 -14.22
N GLN A 61 -8.64 -22.82 -13.31
CA GLN A 61 -8.12 -22.40 -12.04
C GLN A 61 -6.70 -21.88 -12.13
N LEU A 62 -5.83 -22.61 -12.80
CA LEU A 62 -4.45 -22.22 -12.95
C LEU A 62 -4.29 -20.80 -13.50
N ALA A 63 -5.12 -20.45 -14.49
CA ALA A 63 -5.09 -19.11 -15.08
C ALA A 63 -5.43 -18.03 -14.03
N ILE A 64 -6.32 -18.34 -13.11
CA ILE A 64 -6.65 -17.38 -12.11
C ILE A 64 -5.52 -17.30 -11.07
N VAL A 65 -4.92 -18.44 -10.73
CA VAL A 65 -3.82 -18.44 -9.77
C VAL A 65 -2.74 -17.55 -10.39
N SER A 66 -2.63 -17.63 -11.71
CA SER A 66 -1.65 -16.86 -12.43
C SER A 66 -1.94 -15.34 -12.50
N GLN A 67 -3.19 -14.94 -12.64
CA GLN A 67 -3.51 -13.51 -12.71
C GLN A 67 -3.26 -12.91 -11.34
N ILE A 68 -3.50 -13.73 -10.32
CA ILE A 68 -3.33 -13.30 -8.97
C ILE A 68 -1.88 -12.98 -8.73
N VAL A 69 -1.02 -13.96 -8.99
CA VAL A 69 0.40 -13.82 -8.83
C VAL A 69 0.96 -12.65 -9.67
N GLU A 70 0.44 -12.46 -10.89
CA GLU A 70 0.94 -11.36 -11.72
C GLU A 70 0.57 -10.02 -11.08
N LEU A 71 -0.67 -9.90 -10.66
CA LEU A 71 -1.12 -8.67 -10.02
C LEU A 71 -0.24 -8.40 -8.80
N LEU A 72 -0.07 -9.38 -7.91
CA LEU A 72 0.73 -9.15 -6.73
C LEU A 72 2.15 -8.84 -7.01
N HIS A 73 2.74 -9.51 -8.01
CA HIS A 73 4.13 -9.32 -8.32
C HIS A 73 4.37 -7.95 -8.97
N ASN A 74 3.57 -7.57 -9.96
CA ASN A 74 3.81 -6.29 -10.59
C ASN A 74 3.57 -5.15 -9.60
N SER A 75 2.60 -5.31 -8.71
CA SER A 75 2.31 -4.29 -7.71
C SER A 75 3.49 -4.16 -6.74
N SER A 76 4.05 -5.29 -6.33
CA SER A 76 5.20 -5.29 -5.43
C SER A 76 6.35 -4.54 -6.06
N LEU A 77 6.55 -4.72 -7.37
CA LEU A 77 7.63 -4.05 -8.08
C LEU A 77 7.36 -2.56 -8.13
N LEU A 78 6.15 -2.15 -8.51
CA LEU A 78 5.82 -0.72 -8.52
C LEU A 78 6.20 -0.07 -7.17
N ILE A 79 5.82 -0.69 -6.06
CA ILE A 79 6.09 -0.14 -4.72
C ILE A 79 7.58 -0.20 -4.40
N ASP A 80 8.20 -1.31 -4.84
CA ASP A 80 9.61 -1.50 -4.59
C ASP A 80 10.47 -0.43 -5.24
N ASP A 81 10.08 -0.04 -6.45
CA ASP A 81 10.79 0.98 -7.21
C ASP A 81 10.64 2.37 -6.52
N ILE A 82 9.50 2.63 -5.94
CA ILE A 82 9.36 3.88 -5.18
C ILE A 82 10.28 3.82 -3.92
N GLU A 83 10.15 2.73 -3.16
CA GLU A 83 10.95 2.52 -1.93
C GLU A 83 12.42 2.49 -2.18
N ASP A 84 12.85 1.98 -3.36
CA ASP A 84 14.28 1.96 -3.66
C ASP A 84 14.75 3.14 -4.51
N ASN A 85 13.85 4.03 -4.86
CA ASN A 85 14.25 5.15 -5.70
C ASN A 85 14.85 4.69 -7.05
N ALA A 86 14.28 3.66 -7.65
CA ALA A 86 14.79 3.12 -8.88
C ALA A 86 14.41 3.94 -10.11
N PRO A 87 15.39 4.28 -10.94
CA PRO A 87 14.97 5.06 -12.10
C PRO A 87 14.56 4.13 -13.25
N LEU A 88 15.04 2.90 -13.20
CA LEU A 88 14.80 1.96 -14.31
C LEU A 88 14.23 0.61 -13.89
N ARG A 89 13.29 0.06 -14.67
CA ARG A 89 12.77 -1.31 -14.37
C ARG A 89 12.59 -2.05 -15.72
N ARG A 90 13.28 -3.18 -15.88
CA ARG A 90 13.17 -3.98 -17.11
C ARG A 90 13.51 -3.10 -18.32
N GLY A 91 14.60 -2.33 -18.21
CA GLY A 91 15.02 -1.44 -19.27
C GLY A 91 14.21 -0.17 -19.55
N GLN A 92 13.15 0.10 -18.78
CA GLN A 92 12.33 1.29 -19.02
C GLN A 92 12.18 2.18 -17.79
N THR A 93 11.75 3.42 -18.00
CA THR A 93 11.54 4.32 -16.87
C THR A 93 10.50 3.73 -15.91
N THR A 94 10.74 3.87 -14.62
CA THR A 94 9.80 3.36 -13.60
C THR A 94 8.54 4.19 -13.57
N SER A 95 7.40 3.55 -13.31
CA SER A 95 6.15 4.32 -13.29
C SER A 95 6.10 5.55 -12.41
N HIS A 96 6.79 5.53 -11.26
CA HIS A 96 6.63 6.68 -10.34
C HIS A 96 7.22 7.93 -10.91
N LEU A 97 8.24 7.77 -11.74
CA LEU A 97 8.85 8.94 -12.34
C LEU A 97 7.95 9.46 -13.44
N ILE A 98 7.06 8.64 -13.98
CA ILE A 98 6.22 9.11 -15.06
C ILE A 98 4.92 9.70 -14.55
N PHE A 99 4.23 8.92 -13.72
CA PHE A 99 2.95 9.34 -13.17
C PHE A 99 3.03 9.92 -11.77
N GLY A 100 4.18 9.84 -11.12
CA GLY A 100 4.34 10.40 -9.80
C GLY A 100 4.19 9.33 -8.74
N VAL A 101 4.89 9.52 -7.61
CA VAL A 101 4.80 8.61 -6.51
C VAL A 101 3.34 8.43 -6.01
N PRO A 102 2.59 9.53 -5.86
CA PRO A 102 1.22 9.38 -5.36
C PRO A 102 0.30 8.37 -6.09
N SER A 103 0.14 8.55 -7.39
CA SER A 103 -0.67 7.63 -8.19
C SER A 103 -0.11 6.23 -8.21
N THR A 104 1.20 6.11 -8.31
CA THR A 104 1.76 4.80 -8.35
C THR A 104 1.51 4.05 -7.04
N ILE A 105 1.65 4.71 -5.90
CA ILE A 105 1.40 4.03 -4.62
C ILE A 105 -0.08 3.57 -4.58
N ASN A 106 -0.98 4.50 -4.83
CA ASN A 106 -2.37 4.17 -4.76
C ASN A 106 -2.76 3.07 -5.77
N THR A 107 -2.21 3.09 -6.99
CA THR A 107 -2.61 2.09 -7.96
C THR A 107 -2.05 0.73 -7.56
N ALA A 108 -0.78 0.71 -7.18
CA ALA A 108 -0.18 -0.54 -6.78
C ALA A 108 -1.03 -1.11 -5.64
N ASN A 109 -1.35 -0.27 -4.64
CA ASN A 109 -2.16 -0.79 -3.53
C ASN A 109 -3.52 -1.24 -4.04
N TYR A 110 -4.09 -0.50 -4.99
CA TYR A 110 -5.40 -0.87 -5.57
C TYR A 110 -5.37 -2.31 -6.10
N MET A 111 -4.27 -2.66 -6.79
CA MET A 111 -4.12 -3.98 -7.37
C MET A 111 -3.93 -5.08 -6.36
N TYR A 112 -3.33 -4.79 -5.19
CA TYR A 112 -3.24 -5.79 -4.13
C TYR A 112 -4.67 -6.23 -3.81
N PHE A 113 -5.57 -5.28 -3.59
CA PHE A 113 -6.95 -5.66 -3.30
C PHE A 113 -7.71 -6.29 -4.49
N ARG A 114 -7.31 -6.00 -5.72
CA ARG A 114 -8.00 -6.64 -6.88
C ARG A 114 -7.55 -8.08 -6.86
N ALA A 115 -6.27 -8.29 -6.59
CA ALA A 115 -5.75 -9.63 -6.51
C ALA A 115 -6.53 -10.42 -5.43
N MET A 116 -6.77 -9.79 -4.28
CA MET A 116 -7.50 -10.46 -3.20
C MET A 116 -8.89 -10.84 -3.72
N GLN A 117 -9.52 -9.91 -4.44
CA GLN A 117 -10.86 -10.13 -4.96
C GLN A 117 -10.92 -11.45 -5.75
N LEU A 118 -9.97 -11.64 -6.66
CA LEU A 118 -9.88 -12.84 -7.51
C LEU A 118 -9.86 -14.18 -6.75
N VAL A 119 -9.33 -14.17 -5.52
CA VAL A 119 -9.26 -15.39 -4.75
C VAL A 119 -10.60 -16.14 -4.70
N SER A 120 -11.69 -15.40 -4.53
CA SER A 120 -13.01 -16.01 -4.47
C SER A 120 -13.47 -16.56 -5.83
N GLN A 121 -12.69 -16.33 -6.87
CA GLN A 121 -13.13 -16.89 -8.12
C GLN A 121 -12.53 -18.27 -8.23
N LEU A 122 -11.75 -18.69 -7.23
CA LEU A 122 -11.08 -20.00 -7.27
C LEU A 122 -11.89 -21.20 -6.81
N THR A 123 -12.88 -20.95 -5.95
CA THR A 123 -13.71 -22.03 -5.42
C THR A 123 -14.91 -21.48 -4.71
N THR A 124 -15.99 -22.25 -4.67
CA THR A 124 -17.19 -21.84 -3.93
C THR A 124 -17.03 -22.45 -2.53
N LYS A 125 -16.41 -23.63 -2.46
CA LYS A 125 -16.17 -24.34 -1.21
C LYS A 125 -15.74 -23.40 -0.08
N GLU A 126 -16.67 -23.08 0.82
CA GLU A 126 -16.38 -22.16 1.93
C GLU A 126 -15.16 -22.47 2.81
N PRO A 127 -14.91 -23.75 3.13
CA PRO A 127 -13.75 -24.16 3.98
C PRO A 127 -12.43 -23.87 3.24
N LEU A 128 -12.44 -24.22 1.96
CA LEU A 128 -11.29 -24.03 1.11
C LEU A 128 -10.99 -22.53 0.89
N TYR A 129 -12.04 -21.73 0.67
CA TYR A 129 -11.86 -20.31 0.43
C TYR A 129 -11.20 -19.70 1.61
N HIS A 130 -11.66 -20.09 2.77
CA HIS A 130 -11.09 -19.57 4.00
C HIS A 130 -9.59 -19.87 4.07
N ASN A 131 -9.16 -21.00 3.50
CA ASN A 131 -7.75 -21.31 3.56
C ASN A 131 -6.96 -20.55 2.51
N LEU A 132 -7.59 -20.31 1.38
CA LEU A 132 -6.93 -19.62 0.32
C LEU A 132 -6.67 -18.20 0.81
N ILE A 133 -7.70 -17.54 1.33
CA ILE A 133 -7.55 -16.20 1.85
C ILE A 133 -6.52 -16.12 2.98
N THR A 134 -6.41 -17.16 3.80
CA THR A 134 -5.43 -17.17 4.90
C THR A 134 -4.01 -17.22 4.32
N ILE A 135 -3.81 -18.10 3.34
CA ILE A 135 -2.54 -18.22 2.70
C ILE A 135 -2.18 -16.87 2.08
N PHE A 136 -3.13 -16.28 1.36
CA PHE A 136 -2.96 -14.96 0.73
C PHE A 136 -2.58 -13.96 1.86
N ASN A 137 -3.39 -13.92 2.92
CA ASN A 137 -3.08 -12.97 4.00
C ASN A 137 -1.68 -13.20 4.64
N GLU A 138 -1.32 -14.46 4.87
CA GLU A 138 -0.03 -14.76 5.50
C GLU A 138 1.17 -14.42 4.67
N GLU A 139 1.15 -14.76 3.40
CA GLU A 139 2.32 -14.50 2.65
C GLU A 139 2.50 -13.03 2.32
N LEU A 140 1.43 -12.25 2.30
CA LEU A 140 1.57 -10.84 2.07
C LEU A 140 2.06 -10.18 3.39
N ILE A 141 1.63 -10.69 4.54
CA ILE A 141 2.16 -10.16 5.77
C ILE A 141 3.63 -10.50 5.72
N ASN A 142 4.01 -11.70 5.31
CA ASN A 142 5.44 -12.04 5.28
C ASN A 142 6.29 -11.16 4.35
N LEU A 143 5.77 -10.92 3.15
CA LEU A 143 6.47 -10.08 2.22
C LEU A 143 6.72 -8.72 2.86
N HIS A 144 5.74 -8.17 3.51
CA HIS A 144 5.91 -6.83 4.06
C HIS A 144 6.91 -6.78 5.18
N ARG A 145 6.97 -7.86 5.96
CA ARG A 145 7.93 -7.92 7.05
C ARG A 145 9.33 -7.88 6.49
N GLY A 146 9.57 -8.70 5.45
CA GLY A 146 10.88 -8.78 4.86
C GLY A 146 11.31 -7.47 4.26
N GLN A 147 10.41 -6.91 3.46
CA GLN A 147 10.64 -5.63 2.81
C GLN A 147 10.92 -4.61 3.94
N GLY A 148 10.10 -4.59 4.98
CA GLY A 148 10.33 -3.69 6.10
C GLY A 148 11.76 -3.76 6.62
N LEU A 149 12.28 -4.96 6.82
CA LEU A 149 13.63 -5.10 7.32
C LEU A 149 14.67 -4.64 6.31
N ASP A 150 14.50 -5.04 5.05
CA ASP A 150 15.48 -4.67 4.04
C ASP A 150 15.60 -3.12 4.03
N ILE A 151 14.47 -2.45 3.95
CA ILE A 151 14.39 -1.00 3.93
C ILE A 151 14.89 -0.32 5.23
N TYR A 152 14.63 -0.91 6.39
CA TYR A 152 15.07 -0.30 7.63
C TYR A 152 16.59 -0.36 7.73
N TRP A 153 17.16 -1.52 7.43
CA TRP A 153 18.61 -1.65 7.49
C TRP A 153 19.29 -0.68 6.60
N ARG A 154 18.72 -0.50 5.43
CA ARG A 154 19.32 0.40 4.45
C ARG A 154 19.20 1.85 4.82
N ASP A 155 18.00 2.27 5.21
CA ASP A 155 17.81 3.65 5.52
C ASP A 155 18.34 4.14 6.84
N PHE A 156 18.69 3.25 7.76
CA PHE A 156 19.19 3.69 9.06
C PHE A 156 20.58 3.16 9.27
N LEU A 157 21.20 2.69 8.19
CA LEU A 157 22.56 2.20 8.29
C LEU A 157 23.36 3.40 8.89
N PRO A 158 24.34 3.14 9.79
CA PRO A 158 24.70 1.78 10.24
C PRO A 158 24.12 1.39 11.59
N GLU A 159 22.93 1.87 11.95
CA GLU A 159 22.34 1.46 13.23
C GLU A 159 22.38 -0.08 13.37
N ILE A 160 22.18 -0.78 12.26
CA ILE A 160 22.18 -2.22 12.28
C ILE A 160 22.94 -2.80 11.11
N ILE A 161 23.97 -3.56 11.42
CA ILE A 161 24.77 -4.24 10.41
C ILE A 161 24.26 -5.68 10.50
N PRO A 162 23.40 -6.09 9.59
CA PRO A 162 22.91 -7.47 9.67
C PRO A 162 23.97 -8.55 9.39
N THR A 163 23.84 -9.70 10.03
CA THR A 163 24.73 -10.84 9.81
C THR A 163 24.10 -11.64 8.66
N GLN A 164 24.78 -12.68 8.20
CA GLN A 164 24.34 -13.51 7.10
C GLN A 164 23.02 -14.20 7.48
N GLU A 165 22.93 -14.62 8.74
CA GLU A 165 21.75 -15.26 9.27
C GLU A 165 20.58 -14.30 9.19
N MET A 166 20.76 -13.08 9.72
CA MET A 166 19.66 -12.14 9.64
C MET A 166 19.22 -11.87 8.16
N TYR A 167 20.17 -11.77 7.24
CA TYR A 167 19.87 -11.51 5.82
C TYR A 167 18.93 -12.59 5.25
N LEU A 168 19.29 -13.82 5.53
CA LEU A 168 18.56 -14.99 5.08
C LEU A 168 17.15 -15.00 5.67
N ASN A 169 16.98 -14.68 6.94
CA ASN A 169 15.61 -14.66 7.43
C ASN A 169 14.88 -13.51 6.77
N MET A 170 15.55 -12.38 6.56
CA MET A 170 14.87 -11.29 5.88
C MET A 170 14.42 -11.81 4.48
N VAL A 171 15.27 -12.58 3.81
CA VAL A 171 14.91 -13.07 2.47
C VAL A 171 13.78 -14.14 2.48
N MET A 172 13.76 -15.00 3.50
CA MET A 172 12.75 -16.02 3.64
C MET A 172 11.42 -15.27 3.66
N ASN A 173 11.38 -14.14 4.37
CA ASN A 173 10.16 -13.37 4.40
C ASN A 173 9.94 -12.63 3.08
N LYS A 174 10.86 -11.76 2.73
CA LYS A 174 10.71 -10.90 1.56
C LYS A 174 10.49 -11.59 0.22
N THR A 175 11.41 -12.47 -0.16
CA THR A 175 11.32 -13.14 -1.45
C THR A 175 10.52 -14.45 -1.39
N GLY A 176 10.66 -15.21 -0.30
CA GLY A 176 9.90 -16.43 -0.15
C GLY A 176 8.40 -16.11 -0.12
N GLY A 177 8.03 -14.90 0.30
CA GLY A 177 6.64 -14.52 0.35
C GLY A 177 5.83 -14.90 -0.88
N LEU A 178 6.12 -14.30 -2.03
CA LEU A 178 5.36 -14.63 -3.24
C LEU A 178 5.55 -16.04 -3.73
N PHE A 179 6.76 -16.57 -3.67
CA PHE A 179 7.04 -17.96 -4.11
C PHE A 179 6.14 -18.90 -3.33
N ARG A 180 6.17 -18.78 -1.99
CA ARG A 180 5.33 -19.63 -1.12
C ARG A 180 3.85 -19.38 -1.36
N LEU A 181 3.48 -18.12 -1.59
CA LEU A 181 2.08 -17.81 -1.83
C LEU A 181 1.57 -18.61 -3.04
N THR A 182 2.33 -18.55 -4.11
CA THR A 182 1.96 -19.22 -5.34
C THR A 182 1.80 -20.69 -5.11
N LEU A 183 2.78 -21.27 -4.43
CA LEU A 183 2.81 -22.68 -4.18
C LEU A 183 1.79 -23.19 -3.16
N ARG A 184 1.55 -22.43 -2.12
CA ARG A 184 0.59 -22.85 -1.13
C ARG A 184 -0.81 -22.83 -1.69
N LEU A 185 -1.09 -21.89 -2.60
CA LEU A 185 -2.42 -21.82 -3.18
C LEU A 185 -2.63 -23.06 -4.04
N MET A 186 -1.59 -23.45 -4.79
CA MET A 186 -1.69 -24.59 -5.71
C MET A 186 -1.83 -25.87 -4.93
N GLU A 187 -1.00 -26.05 -3.93
CA GLU A 187 -1.08 -27.25 -3.13
C GLU A 187 -2.49 -27.31 -2.58
N ALA A 188 -2.99 -26.17 -2.14
CA ALA A 188 -4.34 -26.14 -1.55
C ALA A 188 -5.44 -26.44 -2.56
N LEU A 189 -5.24 -26.08 -3.81
CA LEU A 189 -6.28 -26.34 -4.80
C LEU A 189 -6.18 -27.70 -5.47
N SER A 190 -5.04 -28.38 -5.31
CA SER A 190 -4.80 -29.66 -5.95
C SER A 190 -5.83 -30.76 -5.74
N PRO A 191 -6.28 -31.40 -6.84
CA PRO A 191 -7.27 -32.48 -6.75
C PRO A 191 -6.57 -33.80 -6.41
N SER A 192 -5.37 -34.00 -6.96
CA SER A 192 -4.59 -35.22 -6.71
C SER A 192 -4.33 -35.40 -5.21
N GLY A 196 2.77 -35.93 -3.22
CA GLY A 196 3.90 -36.19 -2.26
C GLY A 196 4.02 -35.20 -1.10
N HIS A 197 5.24 -35.08 -0.56
CA HIS A 197 5.52 -34.17 0.55
C HIS A 197 5.39 -32.72 0.06
N SER A 198 5.23 -31.78 0.99
CA SER A 198 5.11 -30.38 0.58
C SER A 198 6.38 -29.95 -0.17
N LEU A 199 6.17 -29.09 -1.16
CA LEU A 199 7.28 -28.55 -1.95
C LEU A 199 7.69 -27.18 -1.39
N VAL A 200 7.18 -26.84 -0.21
CA VAL A 200 7.49 -25.57 0.40
C VAL A 200 9.01 -25.36 0.64
N PRO A 201 9.69 -26.37 1.19
CA PRO A 201 11.14 -26.15 1.41
C PRO A 201 11.87 -25.88 0.09
N PHE A 202 11.46 -26.59 -0.94
CA PHE A 202 12.06 -26.41 -2.23
C PHE A 202 11.84 -24.99 -2.77
N ILE A 203 10.62 -24.46 -2.55
CA ILE A 203 10.23 -23.16 -3.04
C ILE A 203 10.96 -22.10 -2.22
N ASN A 204 11.25 -22.39 -0.95
CA ASN A 204 11.98 -21.45 -0.12
C ASN A 204 13.42 -21.35 -0.65
N LEU A 205 14.04 -22.51 -0.85
CA LEU A 205 15.40 -22.55 -1.36
C LEU A 205 15.46 -21.82 -2.70
N LEU A 206 14.44 -21.98 -3.52
CA LEU A 206 14.44 -21.30 -4.78
C LEU A 206 14.40 -19.74 -4.55
N GLY A 207 13.55 -19.28 -3.63
CA GLY A 207 13.45 -17.85 -3.37
C GLY A 207 14.79 -17.31 -2.93
N ILE A 208 15.50 -18.08 -2.12
CA ILE A 208 16.81 -17.71 -1.61
C ILE A 208 17.89 -17.62 -2.71
N ILE A 209 17.91 -18.60 -3.60
CA ILE A 209 18.83 -18.60 -4.72
C ILE A 209 18.45 -17.42 -5.62
N TYR A 210 17.17 -17.23 -5.87
CA TYR A 210 16.73 -16.12 -6.71
C TYR A 210 17.22 -14.77 -6.11
N GLN A 211 17.03 -14.54 -4.82
CA GLN A 211 17.47 -13.27 -4.27
C GLN A 211 19.01 -13.11 -4.24
N ILE A 212 19.74 -14.09 -3.70
CA ILE A 212 21.18 -13.90 -3.63
C ILE A 212 21.72 -13.75 -5.05
N ARG A 213 21.17 -14.52 -5.99
CA ARG A 213 21.58 -14.42 -7.39
C ARG A 213 21.37 -12.96 -7.90
N ASP A 214 20.16 -12.40 -7.67
CA ASP A 214 19.74 -11.02 -8.02
C ASP A 214 20.79 -10.06 -7.45
N ASP A 215 21.06 -10.14 -6.14
CA ASP A 215 22.08 -9.30 -5.51
C ASP A 215 23.45 -9.46 -6.20
N TYR A 216 23.80 -10.69 -6.52
CA TYR A 216 25.09 -10.95 -7.09
C TYR A 216 25.19 -10.42 -8.50
N LEU A 217 24.21 -10.73 -9.32
CA LEU A 217 24.25 -10.28 -10.70
C LEU A 217 24.21 -8.75 -10.84
N ASN A 218 23.58 -8.06 -9.89
CA ASN A 218 23.52 -6.62 -9.92
C ASN A 218 24.93 -6.02 -9.89
N LEU A 219 25.89 -6.73 -9.28
CA LEU A 219 27.25 -6.17 -9.19
C LEU A 219 28.23 -6.71 -10.22
N LYS A 220 28.16 -8.02 -10.46
CA LYS A 220 29.06 -8.71 -11.38
C LYS A 220 28.90 -8.32 -12.85
N ASP A 221 27.70 -7.88 -13.24
CA ASP A 221 27.44 -7.46 -14.62
C ASP A 221 27.95 -6.04 -14.86
N PHE A 222 28.23 -5.34 -13.77
CA PHE A 222 28.76 -4.00 -13.84
C PHE A 222 30.26 -4.17 -13.87
N GLN A 223 30.77 -5.02 -12.99
CA GLN A 223 32.20 -5.24 -12.93
C GLN A 223 32.77 -5.62 -14.31
N MET A 224 32.16 -6.61 -14.94
CA MET A 224 32.59 -7.09 -16.26
C MET A 224 32.37 -6.05 -17.36
N PHE A 230 23.79 -1.36 -13.87
CA PHE A 230 24.49 -0.12 -13.44
C PHE A 230 24.88 -0.18 -11.94
N ALA A 231 24.92 -1.39 -11.37
CA ALA A 231 25.20 -1.64 -9.96
C ALA A 231 24.32 -0.71 -9.12
N GLU A 232 23.05 -0.63 -9.53
CA GLU A 232 22.06 0.21 -8.91
C GLU A 232 21.86 -0.11 -7.41
N ASP A 233 22.15 -1.34 -6.99
CA ASP A 233 22.05 -1.68 -5.58
C ASP A 233 23.07 -0.84 -4.84
N ILE A 234 24.16 -0.41 -5.48
CA ILE A 234 25.13 0.40 -4.71
C ILE A 234 24.53 1.78 -4.44
N THR A 235 23.97 2.37 -5.49
CA THR A 235 23.33 3.67 -5.46
C THR A 235 22.24 3.73 -4.42
N GLU A 236 21.53 2.61 -4.30
CA GLU A 236 20.43 2.46 -3.38
C GLU A 236 20.86 2.26 -1.94
N GLY A 237 21.98 1.58 -1.71
CA GLY A 237 22.46 1.40 -0.34
C GLY A 237 22.08 0.10 0.31
N LYS A 238 21.59 -0.80 -0.53
CA LYS A 238 21.11 -2.07 -0.10
C LYS A 238 22.12 -2.96 0.60
N LEU A 239 21.67 -3.57 1.69
CA LEU A 239 22.50 -4.49 2.43
C LEU A 239 22.35 -5.80 1.66
N SER A 240 22.98 -5.89 0.49
CA SER A 240 22.91 -7.05 -0.36
C SER A 240 23.77 -8.24 0.22
N PHE A 241 23.54 -9.45 -0.28
CA PHE A 241 24.28 -10.60 0.23
C PHE A 241 25.80 -10.28 0.19
N PRO A 242 26.33 -9.84 -0.96
CA PRO A 242 27.79 -9.52 -0.99
C PRO A 242 28.18 -8.44 0.04
N ILE A 243 27.39 -7.37 0.15
CA ILE A 243 27.65 -6.30 1.11
C ILE A 243 27.58 -6.78 2.59
N VAL A 244 26.65 -7.66 2.94
CA VAL A 244 26.54 -8.16 4.32
C VAL A 244 27.82 -8.98 4.68
N HIS A 245 28.27 -9.81 3.74
CA HIS A 245 29.46 -10.59 3.90
C HIS A 245 30.69 -9.67 4.09
N ALA A 246 30.83 -8.65 3.22
CA ALA A 246 31.94 -7.72 3.32
C ALA A 246 31.91 -6.96 4.62
N LEU A 247 30.71 -6.48 5.04
CA LEU A 247 30.66 -5.73 6.28
C LEU A 247 31.06 -6.59 7.47
N ASN A 248 30.59 -7.82 7.51
CA ASN A 248 30.91 -8.70 8.61
C ASN A 248 32.30 -9.22 8.52
N PHE A 249 32.74 -9.55 7.32
CA PHE A 249 34.09 -10.01 7.12
C PHE A 249 35.08 -8.90 7.59
N THR A 250 34.85 -7.63 7.18
CA THR A 250 35.78 -6.56 7.57
C THR A 250 35.86 -6.33 9.08
N LYS A 251 34.74 -6.36 9.74
CA LYS A 251 34.72 -6.18 11.18
C LYS A 251 35.53 -7.35 11.82
N THR A 252 35.19 -8.55 11.40
CA THR A 252 35.83 -9.74 11.91
C THR A 252 37.35 -9.77 11.72
N LYS A 253 37.85 -9.35 10.55
CA LYS A 253 39.27 -9.37 10.29
C LYS A 253 39.92 -8.08 10.75
N GLY A 254 39.13 -7.20 11.36
CA GLY A 254 39.66 -5.95 11.85
C GLY A 254 40.09 -4.94 10.78
N GLN A 255 39.49 -5.00 9.60
CA GLN A 255 39.81 -4.05 8.52
C GLN A 255 38.97 -2.82 8.75
N THR A 256 39.31 -2.05 9.78
CA THR A 256 38.56 -0.86 10.14
C THR A 256 38.29 0.15 9.04
N GLU A 257 39.33 0.55 8.33
CA GLU A 257 39.17 1.52 7.27
C GLU A 257 38.21 1.01 6.15
N GLN A 258 38.41 -0.20 5.68
CA GLN A 258 37.57 -0.80 4.65
C GLN A 258 36.08 -0.90 5.09
N HIS A 259 35.86 -1.33 6.35
CA HIS A 259 34.51 -1.47 6.88
C HIS A 259 33.80 -0.12 6.79
N ASN A 260 34.56 0.91 7.19
CA ASN A 260 34.00 2.24 7.15
C ASN A 260 33.87 2.82 5.76
N GLU A 261 34.75 2.41 4.86
CA GLU A 261 34.70 2.97 3.53
C GLU A 261 33.44 2.36 2.82
N ILE A 262 33.19 1.07 3.02
CA ILE A 262 32.01 0.38 2.48
C ILE A 262 30.76 1.17 2.92
N LEU A 263 30.66 1.39 4.24
CA LEU A 263 29.53 2.15 4.76
C LEU A 263 29.47 3.54 4.14
N ARG A 264 30.61 4.22 4.09
CA ARG A 264 30.59 5.58 3.53
C ARG A 264 30.06 5.52 2.09
N ILE A 265 30.55 4.62 1.26
CA ILE A 265 30.04 4.57 -0.11
C ILE A 265 28.55 4.31 -0.22
N LEU A 266 28.06 3.32 0.53
CA LEU A 266 26.65 2.99 0.61
C LEU A 266 25.87 4.23 0.99
N LEU A 267 26.32 4.91 2.03
CA LEU A 267 25.61 6.12 2.47
C LEU A 267 25.65 7.31 1.45
N LEU A 268 26.51 7.25 0.45
CA LEU A 268 26.53 8.34 -0.54
C LEU A 268 25.31 8.37 -1.49
N ARG A 269 24.68 7.21 -1.72
CA ARG A 269 23.58 7.06 -2.67
C ARG A 269 24.15 7.62 -3.96
N THR A 270 25.29 7.08 -4.37
CA THR A 270 25.97 7.60 -5.51
C THR A 270 25.73 6.92 -6.86
N SER A 271 25.78 7.73 -7.91
CA SER A 271 25.60 7.25 -9.25
C SER A 271 26.93 7.40 -9.98
N ASP A 272 28.02 7.65 -9.26
CA ASP A 272 29.32 7.81 -9.90
C ASP A 272 29.87 6.41 -10.15
N LYS A 273 30.06 6.07 -11.40
CA LYS A 273 30.50 4.75 -11.79
C LYS A 273 31.85 4.31 -11.23
N ASP A 274 32.78 5.26 -11.09
CA ASP A 274 34.07 4.93 -10.56
C ASP A 274 33.95 4.65 -9.11
N ILE A 275 33.07 5.40 -8.45
CA ILE A 275 32.95 5.15 -7.01
C ILE A 275 32.32 3.75 -6.84
N LYS A 276 31.28 3.46 -7.63
CA LYS A 276 30.66 2.12 -7.55
C LYS A 276 31.69 1.07 -7.94
N LEU A 277 32.51 1.35 -8.94
CA LEU A 277 33.51 0.35 -9.32
C LEU A 277 34.55 0.08 -8.18
N LYS A 278 34.87 1.11 -7.38
CA LYS A 278 35.80 0.97 -6.25
C LYS A 278 35.25 -0.01 -5.23
N LEU A 279 33.97 0.18 -4.89
CA LEU A 279 33.28 -0.70 -3.96
C LEU A 279 33.31 -2.13 -4.49
N ILE A 280 32.91 -2.29 -5.75
CA ILE A 280 32.93 -3.63 -6.35
C ILE A 280 34.33 -4.25 -6.27
N GLN A 281 35.36 -3.49 -6.61
CA GLN A 281 36.71 -4.06 -6.53
C GLN A 281 37.10 -4.34 -5.12
N ILE A 282 36.54 -3.58 -4.17
CA ILE A 282 36.84 -3.88 -2.78
C ILE A 282 36.23 -5.29 -2.48
N LEU A 283 34.99 -5.53 -2.90
CA LEU A 283 34.43 -6.84 -2.61
C LEU A 283 35.15 -7.91 -3.41
N GLU A 284 35.77 -7.52 -4.53
CA GLU A 284 36.45 -8.46 -5.37
C GLU A 284 37.81 -8.93 -4.80
N PHE A 285 38.67 -7.97 -4.45
CA PHE A 285 40.02 -8.26 -3.95
C PHE A 285 40.30 -8.16 -2.44
N ASP A 286 39.55 -7.31 -1.74
CA ASP A 286 39.80 -7.10 -0.33
C ASP A 286 39.03 -7.98 0.62
N THR A 287 37.81 -8.36 0.24
CA THR A 287 37.01 -9.21 1.10
C THR A 287 36.61 -10.49 0.41
N ASN A 288 36.89 -10.59 -0.88
CA ASN A 288 36.51 -11.79 -1.63
C ASN A 288 35.02 -12.13 -1.42
N SER A 289 34.21 -11.08 -1.32
CA SER A 289 32.77 -11.21 -1.14
C SER A 289 32.09 -11.68 -2.43
N LEU A 290 32.66 -11.35 -3.57
CA LEU A 290 32.06 -11.82 -4.81
C LEU A 290 32.22 -13.32 -4.98
N ALA A 291 33.39 -13.84 -4.68
CA ALA A 291 33.68 -15.26 -4.81
C ALA A 291 32.89 -16.01 -3.75
N TYR A 292 32.83 -15.46 -2.55
CA TYR A 292 32.10 -16.09 -1.49
C TYR A 292 30.65 -16.29 -1.96
N THR A 293 30.06 -15.23 -2.51
CA THR A 293 28.70 -15.26 -2.96
C THR A 293 28.44 -16.26 -4.08
N LYS A 294 29.27 -16.19 -5.11
CA LYS A 294 29.12 -17.08 -6.26
C LYS A 294 29.11 -18.54 -5.78
N ASN A 295 30.02 -18.82 -4.87
CA ASN A 295 30.18 -20.13 -4.30
C ASN A 295 29.02 -20.53 -3.39
N PHE A 296 28.43 -19.55 -2.71
CA PHE A 296 27.31 -19.81 -1.81
C PHE A 296 26.12 -20.16 -2.75
N ILE A 297 26.02 -19.45 -3.87
CA ILE A 297 24.97 -19.72 -4.81
C ILE A 297 25.15 -21.15 -5.35
N ASN A 298 26.37 -21.48 -5.81
CA ASN A 298 26.65 -22.82 -6.35
C ASN A 298 26.28 -23.91 -5.35
N GLN A 299 26.73 -23.74 -4.11
CA GLN A 299 26.39 -24.67 -3.06
C GLN A 299 24.87 -24.87 -2.98
N LEU A 300 24.10 -23.77 -2.99
CA LEU A 300 22.64 -23.88 -2.87
C LEU A 300 22.04 -24.62 -4.06
N VAL A 301 22.46 -24.25 -5.27
CA VAL A 301 22.01 -24.91 -6.45
C VAL A 301 22.43 -26.40 -6.34
N ASN A 302 23.60 -26.64 -5.76
CA ASN A 302 24.09 -28.01 -5.60
C ASN A 302 23.15 -28.81 -4.70
N MET A 303 22.60 -28.16 -3.69
CA MET A 303 21.69 -28.84 -2.79
C MET A 303 20.53 -29.47 -3.57
N ILE A 304 20.09 -28.82 -4.64
CA ILE A 304 19.01 -29.36 -5.45
C ILE A 304 19.53 -30.36 -6.49
N LYS A 305 20.50 -29.93 -7.30
CA LYS A 305 21.10 -30.77 -8.34
C LYS A 305 21.67 -32.08 -7.80
N ASN A 306 21.85 -32.18 -6.49
CA ASN A 306 22.37 -33.40 -5.90
C ASN A 306 21.39 -34.05 -4.95
N ASP A 307 20.15 -33.62 -5.06
CA ASP A 307 19.05 -34.13 -4.26
C ASP A 307 18.59 -35.44 -4.92
N ASN A 308 19.32 -36.52 -4.64
CA ASN A 308 19.00 -37.81 -5.22
C ASN A 308 17.92 -38.60 -4.51
N GLU A 309 17.66 -38.25 -3.26
CA GLU A 309 16.63 -38.92 -2.49
C GLU A 309 15.45 -37.96 -2.40
N ASN A 310 15.29 -37.20 -3.49
CA ASN A 310 14.22 -36.21 -3.66
C ASN A 310 13.61 -35.67 -2.36
N LYS A 311 14.48 -35.18 -1.47
CA LYS A 311 14.07 -34.61 -0.18
C LYS A 311 13.57 -33.18 -0.40
N TYR A 312 14.04 -32.56 -1.47
CA TYR A 312 13.63 -31.21 -1.83
C TYR A 312 12.74 -31.34 -3.05
N LEU A 313 13.32 -31.85 -4.13
CA LEU A 313 12.57 -32.06 -5.35
C LEU A 313 11.40 -33.00 -5.09
N PRO A 314 10.37 -32.97 -5.95
CA PRO A 314 9.24 -33.88 -5.73
C PRO A 314 9.64 -35.35 -5.85
N LYS B 5 28.10 -27.94 7.28
CA LYS B 5 27.38 -27.19 8.35
C LYS B 5 26.55 -26.08 7.72
N MET B 6 26.96 -25.67 6.52
CA MET B 6 26.29 -24.64 5.75
C MET B 6 24.99 -25.22 5.26
N GLU B 7 25.08 -26.39 4.66
CA GLU B 7 23.93 -27.10 4.13
C GLU B 7 22.97 -27.45 5.26
N ALA B 8 23.50 -27.72 6.45
CA ALA B 8 22.63 -28.04 7.56
C ALA B 8 21.78 -26.82 7.89
N LYS B 9 22.45 -25.67 8.02
CA LYS B 9 21.80 -24.42 8.34
C LYS B 9 20.66 -24.05 7.40
N ILE B 10 20.90 -24.24 6.10
CA ILE B 10 19.90 -23.95 5.09
C ILE B 10 18.74 -24.94 5.22
N ASP B 11 19.07 -26.21 5.40
CA ASP B 11 18.07 -27.25 5.54
C ASP B 11 17.08 -26.84 6.61
N GLU B 12 17.62 -26.38 7.73
CA GLU B 12 16.83 -25.96 8.86
C GLU B 12 15.92 -24.76 8.53
N LEU B 13 16.51 -23.75 7.90
CA LEU B 13 15.85 -22.52 7.53
C LEU B 13 14.67 -22.75 6.57
N ILE B 14 14.91 -23.48 5.51
CA ILE B 14 13.87 -23.72 4.54
C ILE B 14 12.76 -24.67 5.02
N ASN B 15 12.98 -25.35 6.14
CA ASN B 15 11.94 -26.22 6.68
C ASN B 15 11.16 -25.52 7.75
N ASN B 16 11.57 -24.33 8.15
CA ASN B 16 10.82 -23.65 9.16
C ASN B 16 10.03 -22.49 8.58
N ASP B 17 9.10 -21.99 9.36
CA ASP B 17 8.38 -20.84 8.88
C ASP B 17 9.41 -19.69 8.88
N PRO B 18 9.19 -18.65 8.08
CA PRO B 18 10.19 -17.57 8.12
C PRO B 18 10.32 -17.02 9.53
N VAL B 19 11.56 -16.80 9.96
CA VAL B 19 11.80 -16.29 11.29
C VAL B 19 11.38 -14.81 11.40
N TRP B 20 10.66 -14.44 12.44
CA TRP B 20 10.28 -13.05 12.66
C TRP B 20 10.17 -12.82 14.16
N SER B 21 11.02 -11.97 14.69
CA SER B 21 11.01 -11.70 16.12
C SER B 21 10.16 -10.54 16.50
N SER B 22 10.02 -10.42 17.81
CA SER B 22 9.28 -9.38 18.49
C SER B 22 9.99 -8.03 18.22
N GLN B 23 11.32 -8.04 18.30
CA GLN B 23 12.12 -6.84 18.07
C GLN B 23 11.94 -6.42 16.59
N ASN B 24 11.89 -7.38 15.67
CA ASN B 24 11.63 -7.04 14.25
C ASN B 24 10.26 -6.40 14.15
N GLU B 25 9.29 -6.90 14.89
CA GLU B 25 7.94 -6.35 14.87
C GLU B 25 7.94 -4.89 15.23
N SER B 26 8.83 -4.53 16.15
CA SER B 26 8.93 -3.14 16.60
C SER B 26 9.53 -2.22 15.58
N LEU B 27 10.59 -2.67 14.91
CA LEU B 27 11.22 -1.86 13.90
C LEU B 27 10.21 -1.44 12.87
N ILE B 28 9.50 -2.44 12.36
CA ILE B 28 8.54 -2.19 11.31
C ILE B 28 7.37 -1.32 11.72
N SER B 29 7.06 -1.28 13.04
CA SER B 29 5.93 -0.52 13.54
C SER B 29 6.15 0.93 13.85
N LYS B 30 7.40 1.34 13.92
CA LYS B 30 7.71 2.71 14.29
C LYS B 30 6.88 3.81 13.63
N PRO B 31 6.74 3.75 12.27
CA PRO B 31 5.97 4.78 11.54
C PRO B 31 4.48 4.79 11.95
N TYR B 32 3.96 3.60 12.25
CA TYR B 32 2.60 3.51 12.67
C TYR B 32 2.47 3.96 14.13
N ASN B 33 3.40 3.54 14.99
CA ASN B 33 3.31 3.99 16.38
C ASN B 33 3.37 5.53 16.49
N HIS B 34 4.18 6.17 15.66
CA HIS B 34 4.29 7.62 15.69
C HIS B 34 2.93 8.29 15.41
N ILE B 35 2.16 7.79 14.45
CA ILE B 35 0.89 8.47 14.22
C ILE B 35 -0.12 8.18 15.34
N LEU B 36 0.06 7.10 16.10
CA LEU B 36 -0.83 6.78 17.22
C LEU B 36 -0.74 7.87 18.31
N LEU B 37 0.41 8.51 18.46
CA LEU B 37 0.55 9.58 19.45
C LEU B 37 -0.41 10.75 19.08
N LYS B 38 -1.46 10.42 18.33
CA LYS B 38 -2.46 11.39 17.84
C LYS B 38 -3.79 11.34 18.66
N ASN B 42 -10.51 8.62 18.96
CA ASN B 42 -11.49 8.34 20.05
C ASN B 42 -12.84 8.99 19.75
N PHE B 43 -13.09 9.22 18.47
CA PHE B 43 -14.34 9.80 18.01
C PHE B 43 -14.78 8.95 16.84
N ARG B 44 -13.89 8.07 16.43
CA ARG B 44 -14.17 7.14 15.36
C ARG B 44 -14.86 6.02 16.14
N LEU B 45 -14.39 5.86 17.38
CA LEU B 45 -14.89 4.86 18.32
C LEU B 45 -16.18 5.32 18.99
N ASN B 46 -16.37 6.63 19.12
CA ASN B 46 -17.59 7.13 19.74
C ASN B 46 -18.78 6.80 18.84
N LEU B 47 -18.53 6.80 17.53
CA LEU B 47 -19.57 6.49 16.59
C LEU B 47 -19.78 4.99 16.55
N ILE B 48 -18.73 4.21 16.77
CA ILE B 48 -18.92 2.76 16.76
C ILE B 48 -19.75 2.37 17.97
N VAL B 49 -19.31 2.88 19.12
CA VAL B 49 -19.98 2.66 20.39
C VAL B 49 -21.45 3.01 20.18
N GLN B 50 -21.73 4.24 19.73
CA GLN B 50 -23.11 4.65 19.49
C GLN B 50 -23.94 3.75 18.58
N ILE B 51 -23.40 3.33 17.44
CA ILE B 51 -24.15 2.47 16.53
C ILE B 51 -24.41 1.08 17.12
N ASN B 52 -23.53 0.63 18.00
CA ASN B 52 -23.74 -0.69 18.58
C ASN B 52 -25.00 -0.76 19.43
N ARG B 53 -25.57 0.40 19.79
CA ARG B 53 -26.83 0.47 20.54
C ARG B 53 -27.90 -0.22 19.70
N VAL B 54 -27.74 -0.16 18.38
CA VAL B 54 -28.67 -0.80 17.49
C VAL B 54 -28.21 -2.20 17.19
N MET B 55 -26.94 -2.33 16.81
CA MET B 55 -26.34 -3.60 16.44
C MET B 55 -26.12 -4.61 17.57
N ASN B 56 -25.71 -4.13 18.73
CA ASN B 56 -25.48 -4.99 19.88
C ASN B 56 -24.50 -6.13 19.71
N LEU B 57 -23.29 -5.79 19.27
CA LEU B 57 -22.25 -6.78 19.11
C LEU B 57 -21.65 -6.94 20.51
N PRO B 58 -21.30 -8.18 20.91
CA PRO B 58 -20.70 -8.40 22.23
C PRO B 58 -19.41 -7.62 22.28
N LYS B 59 -19.03 -7.09 23.44
CA LYS B 59 -17.80 -6.29 23.58
C LYS B 59 -16.50 -6.89 22.98
N ASP B 60 -16.42 -8.22 22.92
CA ASP B 60 -15.25 -8.86 22.34
C ASP B 60 -15.23 -8.46 20.87
N GLN B 61 -16.26 -8.92 20.17
CA GLN B 61 -16.39 -8.67 18.75
C GLN B 61 -16.26 -7.17 18.39
N LEU B 62 -16.87 -6.29 19.20
CA LEU B 62 -16.83 -4.86 18.97
C LEU B 62 -15.43 -4.30 19.04
N ALA B 63 -14.66 -4.74 20.03
CA ALA B 63 -13.30 -4.27 20.20
C ALA B 63 -12.47 -4.54 18.92
N ILE B 64 -12.59 -5.75 18.38
CA ILE B 64 -11.87 -6.13 17.17
C ILE B 64 -12.31 -5.22 16.01
N VAL B 65 -13.61 -5.03 15.82
CA VAL B 65 -14.09 -4.13 14.78
C VAL B 65 -13.37 -2.79 14.96
N SER B 66 -13.31 -2.31 16.21
CA SER B 66 -12.60 -1.07 16.54
C SER B 66 -11.11 -1.13 16.19
N GLN B 67 -10.47 -2.25 16.48
CA GLN B 67 -9.06 -2.36 16.11
C GLN B 67 -8.89 -2.31 14.59
N ILE B 68 -9.79 -3.00 13.87
CA ILE B 68 -9.74 -3.02 12.39
C ILE B 68 -9.88 -1.61 11.80
N VAL B 69 -10.83 -0.84 12.33
CA VAL B 69 -11.09 0.47 11.83
C VAL B 69 -9.92 1.36 12.13
N GLU B 70 -9.35 1.22 13.33
CA GLU B 70 -8.20 2.01 13.71
C GLU B 70 -6.99 1.79 12.79
N LEU B 71 -6.63 0.54 12.50
CA LEU B 71 -5.51 0.22 11.60
C LEU B 71 -5.74 0.79 10.21
N LEU B 72 -6.94 0.62 9.67
CA LEU B 72 -7.23 1.12 8.32
C LEU B 72 -7.20 2.63 8.23
N HIS B 73 -7.80 3.24 9.24
CA HIS B 73 -7.88 4.68 9.30
C HIS B 73 -6.47 5.24 9.43
N ASN B 74 -5.75 4.80 10.45
CA ASN B 74 -4.40 5.30 10.64
C ASN B 74 -3.48 5.02 9.41
N SER B 75 -3.55 3.82 8.86
CA SER B 75 -2.69 3.49 7.74
C SER B 75 -3.00 4.35 6.56
N SER B 76 -4.29 4.59 6.30
CA SER B 76 -4.62 5.38 5.15
C SER B 76 -4.12 6.81 5.34
N LEU B 77 -4.12 7.29 6.57
CA LEU B 77 -3.60 8.63 6.80
C LEU B 77 -2.09 8.68 6.57
N LEU B 78 -1.35 7.65 7.04
CA LEU B 78 0.12 7.63 6.79
C LEU B 78 0.42 7.71 5.28
N ILE B 79 -0.35 7.00 4.45
CA ILE B 79 -0.09 6.97 2.99
C ILE B 79 -0.62 8.26 2.31
N ASP B 80 -1.72 8.76 2.82
CA ASP B 80 -2.34 9.97 2.27
C ASP B 80 -1.35 11.13 2.37
N ASP B 81 -0.65 11.22 3.50
CA ASP B 81 0.32 12.31 3.71
C ASP B 81 1.53 12.19 2.79
N ILE B 82 1.90 10.96 2.46
CA ILE B 82 2.97 10.77 1.49
C ILE B 82 2.38 11.27 0.14
N GLU B 83 1.18 10.78 -0.18
CA GLU B 83 0.51 11.18 -1.41
C GLU B 83 0.22 12.67 -1.54
N ASP B 84 0.00 13.33 -0.40
CA ASP B 84 -0.31 14.76 -0.39
C ASP B 84 0.89 15.58 0.00
N ASN B 85 2.03 14.94 0.22
CA ASN B 85 3.22 15.69 0.59
C ASN B 85 2.92 16.63 1.78
N ALA B 86 2.21 16.11 2.77
CA ALA B 86 1.84 16.87 3.97
C ALA B 86 2.98 16.91 4.98
N PRO B 87 3.35 18.10 5.43
CA PRO B 87 4.44 18.17 6.42
C PRO B 87 3.87 17.90 7.82
N LEU B 88 2.58 18.19 8.03
CA LEU B 88 1.99 18.02 9.35
C LEU B 88 0.71 17.20 9.42
N ARG B 89 0.53 16.53 10.57
CA ARG B 89 -0.68 15.73 10.80
C ARG B 89 -1.00 15.71 12.29
N ARG B 90 -2.15 16.27 12.62
CA ARG B 90 -2.62 16.38 13.98
C ARG B 90 -1.57 17.20 14.75
N GLY B 91 -1.16 18.30 14.12
CA GLY B 91 -0.21 19.21 14.70
C GLY B 91 1.24 18.73 14.75
N GLN B 92 1.48 17.45 14.50
CA GLN B 92 2.83 16.88 14.56
C GLN B 92 3.49 16.62 13.20
N THR B 93 4.80 16.36 13.20
CA THR B 93 5.48 16.07 11.95
C THR B 93 4.93 14.75 11.36
N THR B 94 4.74 14.66 10.05
CA THR B 94 4.21 13.39 9.55
C THR B 94 5.27 12.30 9.62
N SER B 95 4.84 11.06 9.69
CA SER B 95 5.77 9.96 9.80
C SER B 95 6.80 9.80 8.68
N HIS B 96 6.39 10.03 7.43
CA HIS B 96 7.35 9.80 6.34
C HIS B 96 8.45 10.86 6.41
N LEU B 97 8.19 11.98 7.06
CA LEU B 97 9.28 12.95 7.15
C LEU B 97 10.24 12.51 8.21
N ILE B 98 9.84 11.58 9.08
CA ILE B 98 10.76 11.14 10.13
C ILE B 98 11.42 9.81 9.79
N PHE B 99 10.62 8.81 9.38
CA PHE B 99 11.14 7.49 9.07
C PHE B 99 11.43 7.31 7.60
N GLY B 100 11.04 8.30 6.80
CA GLY B 100 11.26 8.23 5.37
C GLY B 100 10.02 7.64 4.69
N VAL B 101 9.83 8.03 3.43
CA VAL B 101 8.73 7.52 2.62
C VAL B 101 8.79 5.99 2.51
N PRO B 102 9.96 5.43 2.21
CA PRO B 102 9.98 3.96 2.09
C PRO B 102 9.41 3.15 3.24
N SER B 103 9.99 3.33 4.42
CA SER B 103 9.48 2.57 5.57
C SER B 103 8.00 2.90 5.80
N THR B 104 7.61 4.17 5.67
CA THR B 104 6.22 4.53 5.94
C THR B 104 5.24 3.84 4.97
N ILE B 105 5.56 3.79 3.68
CA ILE B 105 4.69 3.11 2.75
C ILE B 105 4.61 1.65 3.16
N ASN B 106 5.77 1.03 3.44
CA ASN B 106 5.74 -0.37 3.74
C ASN B 106 4.96 -0.70 5.02
N THR B 107 5.23 0.06 6.08
CA THR B 107 4.53 -0.12 7.39
C THR B 107 3.01 0.05 7.22
N ALA B 108 2.55 1.09 6.53
CA ALA B 108 1.10 1.30 6.36
C ALA B 108 0.47 0.07 5.66
N ASN B 109 1.04 -0.32 4.52
CA ASN B 109 0.54 -1.46 3.78
C ASN B 109 0.58 -2.71 4.62
N TYR B 110 1.63 -2.83 5.44
CA TYR B 110 1.73 -3.96 6.32
C TYR B 110 0.48 -3.99 7.21
N MET B 111 0.13 -2.82 7.76
CA MET B 111 -1.02 -2.72 8.65
C MET B 111 -2.35 -3.02 7.92
N TYR B 112 -2.44 -2.70 6.64
CA TYR B 112 -3.67 -3.06 5.92
C TYR B 112 -3.89 -4.55 6.07
N PHE B 113 -2.80 -5.32 5.90
CA PHE B 113 -2.88 -6.77 5.99
C PHE B 113 -3.05 -7.23 7.44
N ARG B 114 -2.61 -6.44 8.40
CA ARG B 114 -2.85 -6.86 9.77
C ARG B 114 -4.34 -6.68 10.04
N ALA B 115 -4.90 -5.60 9.54
CA ALA B 115 -6.30 -5.38 9.71
C ALA B 115 -7.00 -6.57 9.06
N MET B 116 -6.61 -6.92 7.83
CA MET B 116 -7.23 -8.03 7.12
C MET B 116 -7.22 -9.28 7.98
N GLN B 117 -6.12 -9.51 8.68
CA GLN B 117 -6.01 -10.69 9.56
C GLN B 117 -7.00 -10.63 10.71
N LEU B 118 -7.23 -9.46 11.32
CA LEU B 118 -8.20 -9.34 12.40
C LEU B 118 -9.63 -9.72 11.92
N VAL B 119 -9.95 -9.44 10.65
CA VAL B 119 -11.25 -9.80 10.10
C VAL B 119 -11.62 -11.27 10.31
N SER B 120 -10.66 -12.19 10.22
CA SER B 120 -10.94 -13.61 10.44
C SER B 120 -11.12 -13.98 11.91
N GLN B 121 -10.94 -13.03 12.81
CA GLN B 121 -11.13 -13.36 14.22
C GLN B 121 -12.42 -12.77 14.76
N LEU B 122 -13.33 -12.41 13.86
CA LEU B 122 -14.60 -11.88 14.28
C LEU B 122 -15.58 -13.03 14.34
N THR B 123 -15.36 -14.04 13.49
CA THR B 123 -16.25 -15.18 13.41
C THR B 123 -15.52 -16.40 12.86
N THR B 124 -16.12 -17.57 13.07
CA THR B 124 -15.55 -18.80 12.59
C THR B 124 -16.61 -19.41 11.70
N LYS B 125 -17.78 -18.76 11.62
CA LYS B 125 -18.90 -19.25 10.78
C LYS B 125 -18.53 -19.03 9.31
N GLU B 126 -18.37 -20.12 8.57
CA GLU B 126 -17.91 -19.97 7.19
C GLU B 126 -18.71 -19.15 6.20
N PRO B 127 -20.05 -19.11 6.35
CA PRO B 127 -20.78 -18.30 5.38
C PRO B 127 -20.45 -16.84 5.73
N LEU B 128 -20.67 -16.50 7.00
CA LEU B 128 -20.44 -15.17 7.54
C LEU B 128 -19.00 -14.65 7.38
N TYR B 129 -18.02 -15.54 7.53
CA TYR B 129 -16.64 -15.11 7.38
C TYR B 129 -16.42 -14.60 5.97
N HIS B 130 -16.97 -15.31 5.00
CA HIS B 130 -16.82 -14.92 3.62
C HIS B 130 -17.39 -13.52 3.45
N ASN B 131 -18.53 -13.30 4.06
CA ASN B 131 -19.18 -12.02 3.94
C ASN B 131 -18.38 -10.84 4.45
N LEU B 132 -17.78 -10.99 5.65
CA LEU B 132 -16.96 -9.99 6.28
C LEU B 132 -15.78 -9.66 5.35
N ILE B 133 -15.18 -10.69 4.74
CA ILE B 133 -14.04 -10.47 3.84
C ILE B 133 -14.46 -9.72 2.57
N THR B 134 -15.60 -10.10 2.00
CA THR B 134 -16.10 -9.43 0.81
C THR B 134 -16.33 -7.95 1.16
N ILE B 135 -16.92 -7.67 2.31
CA ILE B 135 -17.18 -6.27 2.70
C ILE B 135 -15.88 -5.47 2.78
N PHE B 136 -14.92 -6.02 3.53
CA PHE B 136 -13.59 -5.46 3.71
C PHE B 136 -12.94 -5.18 2.34
N ASN B 137 -12.91 -6.22 1.51
CA ASN B 137 -12.31 -6.15 0.17
C ASN B 137 -13.02 -5.04 -0.65
N GLU B 138 -14.36 -5.14 -0.79
CA GLU B 138 -15.16 -4.17 -1.53
C GLU B 138 -14.92 -2.73 -1.05
N GLU B 139 -14.81 -2.48 0.25
CA GLU B 139 -14.65 -1.09 0.64
C GLU B 139 -13.23 -0.58 0.50
N LEU B 140 -12.22 -1.47 0.59
CA LEU B 140 -10.86 -1.00 0.40
C LEU B 140 -10.63 -0.68 -1.08
N ILE B 141 -11.31 -1.48 -1.92
CA ILE B 141 -11.25 -1.22 -3.35
C ILE B 141 -11.91 0.17 -3.57
N ASN B 142 -13.05 0.39 -2.95
CA ASN B 142 -13.70 1.70 -3.12
C ASN B 142 -12.87 2.85 -2.58
N LEU B 143 -12.20 2.66 -1.44
CA LEU B 143 -11.35 3.73 -0.89
C LEU B 143 -10.24 4.06 -1.91
N HIS B 144 -9.72 3.05 -2.62
CA HIS B 144 -8.64 3.32 -3.57
C HIS B 144 -9.04 3.97 -4.86
N ARG B 145 -10.24 3.65 -5.32
CA ARG B 145 -10.78 4.25 -6.51
C ARG B 145 -10.93 5.76 -6.26
N GLY B 146 -11.53 6.11 -5.12
CA GLY B 146 -11.75 7.51 -4.80
C GLY B 146 -10.43 8.26 -4.57
N GLN B 147 -9.56 7.65 -3.80
CA GLN B 147 -8.29 8.25 -3.57
C GLN B 147 -7.61 8.40 -4.94
N GLY B 148 -7.67 7.37 -5.78
CA GLY B 148 -7.05 7.44 -7.10
C GLY B 148 -7.54 8.58 -8.00
N LEU B 149 -8.84 8.81 -8.00
CA LEU B 149 -9.47 9.86 -8.79
C LEU B 149 -9.12 11.22 -8.18
N ASP B 150 -9.15 11.30 -6.85
CA ASP B 150 -8.82 12.56 -6.18
C ASP B 150 -7.39 12.96 -6.58
N ILE B 151 -6.49 11.98 -6.57
CA ILE B 151 -5.09 12.25 -6.94
C ILE B 151 -4.92 12.50 -8.44
N TYR B 152 -5.64 11.76 -9.27
CA TYR B 152 -5.52 11.96 -10.69
C TYR B 152 -5.89 13.40 -11.04
N TRP B 153 -7.09 13.82 -10.65
CA TRP B 153 -7.54 15.17 -10.93
C TRP B 153 -6.47 16.17 -10.45
N ARG B 154 -5.91 15.96 -9.26
CA ARG B 154 -4.93 16.90 -8.77
C ARG B 154 -3.65 16.86 -9.58
N ASP B 155 -3.15 15.67 -9.93
CA ASP B 155 -1.91 15.63 -10.67
C ASP B 155 -1.98 15.84 -12.18
N PHE B 156 -3.18 15.79 -12.76
CA PHE B 156 -3.33 16.03 -14.20
C PHE B 156 -3.91 17.41 -14.45
N LEU B 157 -4.18 18.13 -13.36
CA LEU B 157 -4.76 19.47 -13.52
C LEU B 157 -3.80 20.30 -14.40
N PRO B 158 -4.37 21.09 -15.32
CA PRO B 158 -5.80 21.25 -15.56
C PRO B 158 -6.43 20.36 -16.64
N GLU B 159 -6.00 19.10 -16.80
CA GLU B 159 -6.59 18.28 -17.84
C GLU B 159 -8.10 18.09 -17.65
N ILE B 160 -8.53 17.80 -16.42
CA ILE B 160 -9.92 17.57 -16.07
C ILE B 160 -10.36 18.38 -14.85
N ILE B 161 -11.44 19.14 -15.00
CA ILE B 161 -11.91 19.90 -13.88
C ILE B 161 -13.21 19.23 -13.55
N PRO B 162 -13.29 18.56 -12.39
CA PRO B 162 -14.55 17.91 -12.13
C PRO B 162 -15.69 18.83 -11.80
N THR B 163 -16.90 18.28 -11.98
CA THR B 163 -18.09 18.98 -11.61
C THR B 163 -18.41 18.54 -10.17
N GLN B 164 -19.46 19.14 -9.61
CA GLN B 164 -19.90 18.85 -8.27
C GLN B 164 -20.33 17.38 -8.22
N GLU B 165 -21.00 16.92 -9.26
CA GLU B 165 -21.43 15.53 -9.30
C GLU B 165 -20.23 14.61 -9.34
N MET B 166 -19.27 14.87 -10.23
CA MET B 166 -18.09 14.01 -10.30
C MET B 166 -17.43 14.02 -8.92
N TYR B 167 -17.32 15.20 -8.32
CA TYR B 167 -16.70 15.32 -7.02
C TYR B 167 -17.36 14.43 -5.97
N LEU B 168 -18.69 14.43 -5.94
CA LEU B 168 -19.45 13.68 -4.95
C LEU B 168 -19.35 12.20 -5.18
N ASN B 169 -19.19 11.77 -6.42
CA ASN B 169 -19.04 10.32 -6.64
C ASN B 169 -17.64 9.93 -6.15
N MET B 170 -16.69 10.84 -6.32
CA MET B 170 -15.33 10.56 -5.83
C MET B 170 -15.40 10.42 -4.29
N VAL B 171 -16.16 11.31 -3.64
CA VAL B 171 -16.26 11.27 -2.19
C VAL B 171 -16.92 9.99 -1.64
N MET B 172 -17.97 9.52 -2.31
CA MET B 172 -18.67 8.31 -1.91
C MET B 172 -17.65 7.17 -1.80
N ASN B 173 -16.71 7.14 -2.74
CA ASN B 173 -15.65 6.13 -2.78
C ASN B 173 -14.57 6.37 -1.75
N LYS B 174 -13.84 7.47 -1.89
CA LYS B 174 -12.77 7.84 -0.99
C LYS B 174 -13.11 7.91 0.52
N THR B 175 -14.12 8.71 0.88
CA THR B 175 -14.48 8.89 2.29
C THR B 175 -15.55 7.93 2.78
N GLY B 176 -16.41 7.50 1.85
CA GLY B 176 -17.47 6.58 2.23
C GLY B 176 -16.91 5.20 2.52
N GLY B 177 -15.87 4.81 1.80
CA GLY B 177 -15.25 3.51 1.97
C GLY B 177 -15.15 3.08 3.41
N LEU B 178 -14.30 3.73 4.19
CA LEU B 178 -14.18 3.37 5.60
C LEU B 178 -15.48 3.48 6.43
N PHE B 179 -16.33 4.49 6.19
CA PHE B 179 -17.61 4.60 6.94
C PHE B 179 -18.50 3.37 6.65
N ARG B 180 -18.71 3.09 5.36
CA ARG B 180 -19.50 1.93 4.99
C ARG B 180 -18.84 0.61 5.47
N LEU B 181 -17.51 0.50 5.35
CA LEU B 181 -16.85 -0.73 5.79
C LEU B 181 -17.17 -1.00 7.26
N THR B 182 -17.07 0.03 8.08
CA THR B 182 -17.34 -0.08 9.51
C THR B 182 -18.77 -0.52 9.76
N LEU B 183 -19.70 0.23 9.19
CA LEU B 183 -21.08 -0.11 9.40
C LEU B 183 -21.51 -1.47 8.81
N ARG B 184 -21.05 -1.80 7.59
CA ARG B 184 -21.48 -3.04 6.98
C ARG B 184 -20.98 -4.23 7.78
N LEU B 185 -19.82 -4.06 8.44
CA LEU B 185 -19.29 -5.14 9.26
C LEU B 185 -20.17 -5.33 10.48
N MET B 186 -20.58 -4.23 11.10
CA MET B 186 -21.41 -4.28 12.28
C MET B 186 -22.80 -4.84 11.97
N GLU B 187 -23.38 -4.44 10.84
CA GLU B 187 -24.69 -4.96 10.52
C GLU B 187 -24.58 -6.44 10.24
N ALA B 188 -23.47 -6.91 9.67
CA ALA B 188 -23.40 -8.34 9.40
C ALA B 188 -23.21 -9.14 10.69
N LEU B 189 -22.51 -8.56 11.65
CA LEU B 189 -22.26 -9.26 12.91
C LEU B 189 -23.43 -9.20 13.87
N SER B 190 -24.26 -8.19 13.69
CA SER B 190 -25.43 -7.97 14.53
C SER B 190 -26.28 -9.22 14.79
N PRO B 191 -26.50 -9.56 16.07
CA PRO B 191 -27.31 -10.73 16.39
C PRO B 191 -28.75 -10.23 16.55
N SER B 192 -28.91 -8.89 16.58
CA SER B 192 -30.22 -8.21 16.74
C SER B 192 -31.08 -8.33 15.48
N HIS B 197 -34.05 -0.67 9.37
CA HIS B 197 -33.52 -0.39 8.00
C HIS B 197 -32.01 -0.16 8.05
N SER B 198 -31.29 -0.61 7.02
CA SER B 198 -29.86 -0.43 7.01
C SER B 198 -29.51 1.04 7.14
N LEU B 199 -28.37 1.32 7.75
CA LEU B 199 -27.92 2.68 7.94
C LEU B 199 -26.82 3.15 6.97
N VAL B 200 -26.62 2.40 5.91
CA VAL B 200 -25.59 2.75 4.91
C VAL B 200 -25.89 4.11 4.29
N PRO B 201 -27.15 4.34 3.86
CA PRO B 201 -27.48 5.64 3.26
C PRO B 201 -27.02 6.77 4.21
N PHE B 202 -27.35 6.61 5.48
CA PHE B 202 -26.99 7.59 6.48
C PHE B 202 -25.46 7.67 6.74
N ILE B 203 -24.74 6.57 6.60
CA ILE B 203 -23.31 6.66 6.84
C ILE B 203 -22.67 7.30 5.58
N ASN B 204 -23.29 7.08 4.41
CA ASN B 204 -22.86 7.65 3.14
C ASN B 204 -23.03 9.15 3.29
N LEU B 205 -24.20 9.58 3.78
CA LEU B 205 -24.47 11.00 4.00
C LEU B 205 -23.49 11.59 4.99
N LEU B 206 -23.20 10.84 6.03
CA LEU B 206 -22.27 11.32 7.04
C LEU B 206 -20.84 11.51 6.47
N GLY B 207 -20.38 10.55 5.68
CA GLY B 207 -19.06 10.63 5.08
C GLY B 207 -18.96 11.81 4.12
N ILE B 208 -20.04 12.11 3.40
CA ILE B 208 -20.03 13.23 2.46
C ILE B 208 -19.90 14.56 3.25
N ILE B 209 -20.75 14.72 4.27
CA ILE B 209 -20.72 15.89 5.13
C ILE B 209 -19.30 15.95 5.68
N TYR B 210 -18.79 14.80 6.09
CA TYR B 210 -17.45 14.77 6.64
C TYR B 210 -16.38 15.28 5.70
N GLN B 211 -16.39 14.84 4.46
CA GLN B 211 -15.36 15.30 3.55
C GLN B 211 -15.47 16.79 3.19
N ILE B 212 -16.69 17.28 3.01
CA ILE B 212 -16.86 18.67 2.62
C ILE B 212 -16.51 19.62 3.74
N ARG B 213 -16.78 19.21 4.99
CA ARG B 213 -16.45 19.93 6.22
C ARG B 213 -14.91 19.96 6.31
N ASP B 214 -14.25 18.83 6.08
CA ASP B 214 -12.83 18.82 6.06
C ASP B 214 -12.31 19.85 5.02
N ASP B 215 -12.83 19.80 3.78
CA ASP B 215 -12.40 20.75 2.73
C ASP B 215 -12.79 22.20 3.12
N TYR B 216 -13.95 22.39 3.72
CA TYR B 216 -14.35 23.74 4.11
C TYR B 216 -13.42 24.20 5.24
N LEU B 217 -13.25 23.38 6.28
CA LEU B 217 -12.45 23.86 7.38
C LEU B 217 -11.01 24.17 7.08
N ASN B 218 -10.44 23.48 6.10
CA ASN B 218 -9.06 23.68 5.69
C ASN B 218 -8.88 25.11 5.16
N LEU B 219 -9.91 25.67 4.53
CA LEU B 219 -9.82 27.04 4.02
C LEU B 219 -10.27 28.08 5.06
N LYS B 220 -11.34 27.77 5.78
CA LYS B 220 -11.92 28.66 6.78
C LYS B 220 -11.08 28.83 8.02
N ASP B 221 -10.16 27.92 8.29
CA ASP B 221 -9.30 28.06 9.47
C ASP B 221 -8.14 28.99 9.16
N PHE B 222 -7.78 29.07 7.88
CA PHE B 222 -6.70 29.95 7.43
C PHE B 222 -7.23 31.38 7.31
N GLN B 223 -8.41 31.54 6.72
CA GLN B 223 -9.02 32.86 6.56
C GLN B 223 -9.23 33.53 7.95
N MET B 224 -9.47 32.70 8.96
CA MET B 224 -9.65 33.16 10.33
C MET B 224 -8.29 33.29 11.01
N GLY B 229 -5.08 27.19 11.02
CA GLY B 229 -5.29 26.75 9.60
C GLY B 229 -4.16 27.21 8.68
N PHE B 230 -3.49 26.25 8.03
CA PHE B 230 -2.37 26.51 7.13
C PHE B 230 -2.86 26.56 5.66
N ALA B 231 -4.10 26.10 5.45
CA ALA B 231 -4.71 26.08 4.13
C ALA B 231 -3.89 25.14 3.22
N GLU B 232 -3.40 24.04 3.79
CA GLU B 232 -2.57 23.09 3.05
C GLU B 232 -3.16 22.57 1.74
N ASP B 233 -4.47 22.50 1.66
CA ASP B 233 -5.13 22.03 0.44
C ASP B 233 -4.72 22.82 -0.78
N ILE B 234 -4.41 24.10 -0.58
CA ILE B 234 -4.04 24.96 -1.68
C ILE B 234 -2.64 24.58 -2.14
N THR B 235 -1.77 24.35 -1.19
CA THR B 235 -0.39 23.98 -1.47
C THR B 235 -0.39 22.62 -2.21
N GLU B 236 -1.35 21.76 -1.87
CA GLU B 236 -1.45 20.42 -2.45
C GLU B 236 -2.00 20.50 -3.88
N GLY B 237 -2.79 21.53 -4.16
CA GLY B 237 -3.37 21.66 -5.48
C GLY B 237 -4.65 20.89 -5.56
N LYS B 238 -5.18 20.48 -4.42
CA LYS B 238 -6.43 19.69 -4.28
C LYS B 238 -7.72 20.22 -4.92
N LEU B 239 -8.46 19.37 -5.64
CA LEU B 239 -9.73 19.82 -6.21
C LEU B 239 -10.78 19.74 -5.08
N SER B 240 -10.65 20.60 -4.08
CA SER B 240 -11.59 20.56 -2.96
C SER B 240 -12.97 21.08 -3.32
N PHE B 241 -13.95 20.82 -2.45
CA PHE B 241 -15.32 21.28 -2.71
C PHE B 241 -15.42 22.80 -3.05
N PRO B 242 -14.87 23.72 -2.22
CA PRO B 242 -14.98 25.16 -2.56
C PRO B 242 -14.25 25.49 -3.88
N ILE B 243 -13.17 24.75 -4.15
CA ILE B 243 -12.39 24.96 -5.37
C ILE B 243 -13.22 24.46 -6.57
N VAL B 244 -13.90 23.33 -6.42
CA VAL B 244 -14.67 22.80 -7.54
C VAL B 244 -15.77 23.76 -7.89
N HIS B 245 -16.42 24.29 -6.88
CA HIS B 245 -17.44 25.28 -7.08
C HIS B 245 -16.80 26.53 -7.72
N ALA B 246 -15.74 27.10 -7.11
CA ALA B 246 -15.15 28.31 -7.69
C ALA B 246 -14.78 28.14 -9.15
N LEU B 247 -14.16 27.01 -9.50
CA LEU B 247 -13.75 26.78 -10.89
C LEU B 247 -14.96 26.69 -11.81
N ASN B 248 -15.95 25.92 -11.44
CA ASN B 248 -17.14 25.82 -12.29
C ASN B 248 -18.00 27.13 -12.32
N PHE B 249 -17.86 27.96 -11.29
CA PHE B 249 -18.63 29.17 -11.19
C PHE B 249 -18.09 30.14 -12.20
N THR B 250 -16.77 30.33 -12.17
CA THR B 250 -16.12 31.26 -13.07
C THR B 250 -16.25 30.79 -14.53
N LYS B 251 -16.24 29.49 -14.78
CA LYS B 251 -16.40 29.00 -16.15
C LYS B 251 -17.78 29.42 -16.63
N THR B 252 -18.77 29.18 -15.78
CA THR B 252 -20.17 29.49 -16.05
C THR B 252 -20.53 30.99 -16.20
N LYS B 253 -19.75 31.86 -15.59
CA LYS B 253 -20.02 33.29 -15.69
C LYS B 253 -19.01 33.98 -16.60
N GLY B 254 -18.23 33.18 -17.33
CA GLY B 254 -17.24 33.71 -18.25
C GLY B 254 -16.08 34.42 -17.57
N GLN B 255 -16.03 34.38 -16.24
CA GLN B 255 -14.94 35.04 -15.54
C GLN B 255 -13.56 34.34 -15.83
N THR B 256 -13.23 34.34 -17.11
CA THR B 256 -12.02 33.76 -17.63
C THR B 256 -10.72 34.01 -16.90
N GLU B 257 -10.42 35.25 -16.53
CA GLU B 257 -9.17 35.50 -15.83
C GLU B 257 -9.20 34.91 -14.42
N GLN B 258 -10.34 34.98 -13.75
CA GLN B 258 -10.43 34.41 -12.40
C GLN B 258 -10.32 32.90 -12.52
N HIS B 259 -10.98 32.33 -13.53
CA HIS B 259 -10.88 30.90 -13.75
C HIS B 259 -9.38 30.54 -13.83
N ASN B 260 -8.65 31.24 -14.71
CA ASN B 260 -7.25 30.98 -14.89
C ASN B 260 -6.39 31.33 -13.71
N GLU B 261 -6.76 32.37 -12.98
CA GLU B 261 -5.99 32.75 -11.80
C GLU B 261 -6.08 31.60 -10.73
N ILE B 262 -7.27 31.05 -10.52
CA ILE B 262 -7.47 29.96 -9.56
C ILE B 262 -6.57 28.76 -9.97
N LEU B 263 -6.61 28.40 -11.25
CA LEU B 263 -5.78 27.32 -11.77
C LEU B 263 -4.31 27.63 -11.55
N ARG B 264 -3.91 28.86 -11.84
CA ARG B 264 -2.51 29.25 -11.70
C ARG B 264 -2.00 29.13 -10.24
N ILE B 265 -2.86 29.49 -9.28
CA ILE B 265 -2.47 29.39 -7.90
C ILE B 265 -2.45 27.92 -7.52
N LEU B 266 -3.44 27.14 -7.93
CA LEU B 266 -3.42 25.69 -7.60
C LEU B 266 -2.12 25.05 -8.08
N LEU B 267 -1.82 25.31 -9.35
CA LEU B 267 -0.65 24.77 -9.99
C LEU B 267 0.67 25.30 -9.42
N LEU B 268 0.62 26.30 -8.55
CA LEU B 268 1.89 26.80 -8.02
C LEU B 268 2.42 25.88 -6.95
N ARG B 269 1.55 25.06 -6.35
CA ARG B 269 1.95 24.21 -5.24
C ARG B 269 2.69 25.14 -4.27
N THR B 270 2.07 26.28 -3.96
CA THR B 270 2.68 27.28 -3.11
C THR B 270 2.40 27.20 -1.59
N SER B 271 3.43 27.55 -0.84
CA SER B 271 3.36 27.60 0.62
C SER B 271 3.35 29.08 1.01
N ASP B 272 3.40 29.95 0.02
CA ASP B 272 3.41 31.40 0.27
C ASP B 272 2.12 31.89 0.89
N LYS B 273 2.18 32.28 2.15
CA LYS B 273 1.02 32.78 2.87
C LYS B 273 0.19 33.72 2.02
N ASP B 274 0.83 34.75 1.47
CA ASP B 274 0.19 35.80 0.68
C ASP B 274 -0.61 35.35 -0.55
N ILE B 275 -0.02 34.44 -1.31
CA ILE B 275 -0.68 33.91 -2.49
C ILE B 275 -1.85 33.02 -2.06
N LYS B 276 -1.65 32.26 -0.98
CA LYS B 276 -2.76 31.43 -0.52
C LYS B 276 -3.93 32.36 -0.19
N LEU B 277 -3.62 33.46 0.50
CA LEU B 277 -4.64 34.45 0.86
C LEU B 277 -5.35 35.02 -0.38
N LYS B 278 -4.58 35.29 -1.43
CA LYS B 278 -5.18 35.82 -2.65
C LYS B 278 -6.19 34.83 -3.20
N LEU B 279 -5.88 33.54 -3.16
CA LEU B 279 -6.86 32.58 -3.69
C LEU B 279 -8.10 32.54 -2.77
N ILE B 280 -7.90 32.59 -1.45
CA ILE B 280 -9.07 32.59 -0.59
C ILE B 280 -9.92 33.85 -0.87
N GLN B 281 -9.27 35.01 -1.02
CA GLN B 281 -10.08 36.18 -1.34
C GLN B 281 -10.81 36.05 -2.68
N ILE B 282 -10.30 35.23 -3.61
CA ILE B 282 -11.04 35.04 -4.87
C ILE B 282 -12.32 34.26 -4.53
N LEU B 283 -12.20 33.25 -3.69
CA LEU B 283 -13.39 32.46 -3.36
C LEU B 283 -14.40 33.16 -2.46
N GLU B 284 -13.99 34.21 -1.77
CA GLU B 284 -14.91 34.87 -0.89
C GLU B 284 -15.65 36.03 -1.57
N PHE B 285 -14.92 36.84 -2.33
CA PHE B 285 -15.49 38.00 -3.03
C PHE B 285 -16.06 37.74 -4.39
N ASP B 286 -15.42 36.87 -5.15
CA ASP B 286 -15.87 36.61 -6.49
C ASP B 286 -16.91 35.50 -6.69
N THR B 287 -16.54 34.28 -6.36
CA THR B 287 -17.41 33.12 -6.52
C THR B 287 -18.28 32.79 -5.29
N ASN B 288 -17.94 33.34 -4.14
CA ASN B 288 -18.69 33.08 -2.91
C ASN B 288 -18.80 31.55 -2.72
N SER B 289 -17.65 30.91 -2.85
CA SER B 289 -17.55 29.49 -2.70
C SER B 289 -17.58 29.04 -1.24
N LEU B 290 -16.89 29.77 -0.35
CA LEU B 290 -16.90 29.37 1.07
C LEU B 290 -18.33 29.47 1.64
N ALA B 291 -19.02 30.57 1.33
CA ALA B 291 -20.40 30.73 1.80
C ALA B 291 -21.25 29.67 1.10
N TYR B 292 -20.99 29.41 -0.16
CA TYR B 292 -21.75 28.37 -0.84
C TYR B 292 -21.54 26.97 -0.21
N THR B 293 -20.35 26.72 0.34
CA THR B 293 -20.04 25.42 0.94
C THR B 293 -20.69 25.28 2.32
N LYS B 294 -20.61 26.35 3.10
CA LYS B 294 -21.21 26.38 4.43
C LYS B 294 -22.69 26.08 4.25
N ASN B 295 -23.27 26.69 3.24
CA ASN B 295 -24.67 26.46 2.98
C ASN B 295 -24.94 25.01 2.56
N PHE B 296 -24.13 24.49 1.63
CA PHE B 296 -24.32 23.12 1.15
C PHE B 296 -24.27 22.13 2.32
N ILE B 297 -23.26 22.29 3.16
CA ILE B 297 -23.17 21.46 4.34
C ILE B 297 -24.51 21.51 5.11
N ASN B 298 -24.87 22.70 5.62
CA ASN B 298 -26.13 22.90 6.37
C ASN B 298 -27.27 22.14 5.72
N GLN B 299 -27.47 22.33 4.43
CA GLN B 299 -28.52 21.61 3.74
C GLN B 299 -28.41 20.09 3.99
N LEU B 300 -27.22 19.54 3.80
CA LEU B 300 -26.99 18.12 4.02
C LEU B 300 -27.35 17.76 5.45
N VAL B 301 -26.94 18.58 6.41
CA VAL B 301 -27.26 18.24 7.77
C VAL B 301 -28.76 18.31 8.00
N ASN B 302 -29.40 19.38 7.51
CA ASN B 302 -30.85 19.56 7.67
C ASN B 302 -31.56 18.28 7.26
N MET B 303 -31.09 17.64 6.19
CA MET B 303 -31.69 16.38 5.74
C MET B 303 -31.83 15.39 6.90
N ILE B 304 -30.89 15.42 7.83
CA ILE B 304 -30.96 14.52 8.97
C ILE B 304 -31.80 15.18 10.07
N LYS B 305 -31.50 16.44 10.34
CA LYS B 305 -32.21 17.22 11.36
C LYS B 305 -33.72 17.30 11.12
N ASN B 306 -34.12 17.11 9.88
CA ASN B 306 -35.52 17.17 9.56
C ASN B 306 -36.00 15.83 9.01
N ASP B 307 -35.49 14.73 9.58
CA ASP B 307 -35.90 13.39 9.16
C ASP B 307 -36.87 12.84 10.23
N ASN B 308 -38.07 13.39 10.23
CA ASN B 308 -39.08 13.02 11.21
C ASN B 308 -39.65 11.62 11.03
N GLU B 309 -39.67 11.15 9.80
CA GLU B 309 -40.16 9.82 9.50
C GLU B 309 -39.07 8.81 9.82
N ASN B 310 -37.86 9.33 10.06
CA ASN B 310 -36.68 8.51 10.34
C ASN B 310 -36.37 7.61 9.16
N LYS B 311 -36.26 8.20 7.97
CA LYS B 311 -35.97 7.43 6.77
C LYS B 311 -34.48 7.09 6.69
N TYR B 312 -33.66 7.98 7.21
CA TYR B 312 -32.22 7.78 7.20
C TYR B 312 -31.82 7.39 8.62
N LEU B 313 -32.36 8.13 9.58
CA LEU B 313 -32.10 7.91 10.99
C LEU B 313 -32.65 6.53 11.41
N PRO B 314 -32.12 5.99 12.51
CA PRO B 314 -32.64 4.68 12.93
C PRO B 314 -34.12 4.79 13.32
#